data_4HBZ
#
_entry.id   4HBZ
#
_cell.length_a   76.257
_cell.length_b   76.257
_cell.length_c   50.930
_cell.angle_alpha   90.000
_cell.angle_beta   90.000
_cell.angle_gamma   90.000
#
_symmetry.space_group_name_H-M   'P 43 21 2'
#
loop_
_entity.id
_entity.type
_entity.pdbx_description
1 polymer 'Putative phosphohistidine phosphatase, SixA'
2 non-polymer 'ACETIC ACID'
3 non-polymer GLYCEROL
4 non-polymer 'TRIETHYLENE GLYCOL'
5 water water
#
_entity_poly.entity_id   1
_entity_poly.type   'polypeptide(L)'
_entity_poly.pdbx_seq_one_letter_code
;SNA(MSE)AEPTAPSDRSDPAGARTLVL(MSE)RHAAAGSAVRDHDRPLTPDGVRAATAAGQWLRGHLPAVDVVVCSTAA
RTRQTLAATGISAQVRYRDELYGGGVDEILAEVAAVPADASTVLVVGHAPTIPATGWELVRQSLLNRDADPSSGAGDELR
HFAAGTFAVLSTTGAWADLAQAGAELQLVQHPVA
;
_entity_poly.pdbx_strand_id   A
#
# COMPACT_ATOMS: atom_id res chain seq x y z
N ASP A 15 -27.29 -0.27 1.98
CA ASP A 15 -26.34 -1.22 1.37
C ASP A 15 -24.90 -1.01 1.83
N PRO A 16 -24.19 0.06 1.37
CA PRO A 16 -22.96 0.20 2.13
C PRO A 16 -23.22 0.59 3.57
N ALA A 17 -22.22 0.33 4.39
CA ALA A 17 -22.32 0.60 5.80
C ALA A 17 -20.99 1.17 6.27
N GLY A 18 -20.34 1.97 5.46
CA GLY A 18 -19.10 2.53 5.83
C GLY A 18 -17.99 2.07 4.90
N ALA A 19 -17.03 2.92 4.72
CA ALA A 19 -15.93 2.66 3.82
C ALA A 19 -14.70 2.22 4.60
N ARG A 20 -13.94 1.35 4.00
N ARG A 20 -13.95 1.33 4.00
CA ARG A 20 -12.66 0.91 4.50
CA ARG A 20 -12.68 0.84 4.51
C ARG A 20 -11.57 1.65 3.77
C ARG A 20 -11.54 1.52 3.74
N THR A 21 -10.43 1.85 4.44
CA THR A 21 -9.30 2.61 3.87
C THR A 21 -8.12 1.71 3.67
N LEU A 22 -7.63 1.69 2.45
CA LEU A 22 -6.48 0.92 2.04
C LEU A 22 -5.33 1.82 1.65
N VAL A 23 -4.16 1.60 2.23
CA VAL A 23 -2.98 2.37 1.90
C VAL A 23 -1.98 1.42 1.23
N LEU A 24 -1.62 1.72 0.00
CA LEU A 24 -0.67 0.94 -0.76
C LEU A 24 0.65 1.70 -0.86
N ARG A 26 4.85 1.87 -1.58
CA ARG A 26 6.13 1.33 -2.07
C ARG A 26 7.23 1.69 -1.07
N HIS A 27 8.05 0.73 -0.71
CA HIS A 27 9.15 0.99 0.22
C HIS A 27 9.98 2.20 -0.25
N ALA A 28 10.63 2.80 0.74
CA ALA A 28 11.49 3.95 0.48
C ALA A 28 12.82 3.52 -0.11
N ALA A 29 13.58 4.49 -0.57
CA ALA A 29 14.80 4.25 -1.35
C ALA A 29 15.81 3.41 -0.60
N ALA A 30 16.39 2.44 -1.28
CA ALA A 30 17.28 1.49 -0.67
C ALA A 30 18.64 1.40 -1.37
N GLY A 31 19.61 0.99 -0.59
CA GLY A 31 21.00 0.96 -1.02
C GLY A 31 21.40 -0.40 -1.51
N SER A 32 22.69 -0.69 -1.39
N SER A 32 22.70 -0.68 -1.36
CA SER A 32 23.23 -1.95 -1.91
CA SER A 32 23.32 -1.89 -1.85
C SER A 32 23.55 -2.93 -0.79
C SER A 32 23.49 -2.95 -0.74
N ALA A 33 23.50 -4.23 -1.11
CA ALA A 33 23.86 -5.30 -0.18
C ALA A 33 24.20 -6.52 -1.02
N VAL A 34 24.89 -7.50 -0.46
N VAL A 34 24.89 -7.48 -0.38
CA VAL A 34 25.26 -8.67 -1.27
CA VAL A 34 25.29 -8.74 -1.03
C VAL A 34 24.06 -9.62 -1.50
C VAL A 34 24.08 -9.59 -1.43
N ARG A 35 23.03 -9.55 -0.68
N ARG A 35 23.02 -9.54 -0.66
CA ARG A 35 21.76 -10.20 -1.00
CA ARG A 35 21.77 -10.21 -1.03
C ARG A 35 20.69 -9.14 -1.17
C ARG A 35 20.69 -9.17 -1.16
N ASP A 36 19.91 -9.21 -2.26
CA ASP A 36 18.89 -8.20 -2.45
C ASP A 36 17.93 -8.05 -1.27
N HIS A 37 17.54 -9.17 -0.69
CA HIS A 37 16.51 -9.14 0.35
C HIS A 37 17.04 -8.35 1.57
N ASP A 38 18.34 -8.25 1.75
CA ASP A 38 19.00 -7.52 2.88
C ASP A 38 19.28 -6.06 2.62
N ARG A 39 18.98 -5.58 1.40
CA ARG A 39 19.34 -4.17 1.11
C ARG A 39 18.61 -3.21 2.06
N PRO A 40 19.38 -2.31 2.72
CA PRO A 40 18.79 -1.42 3.69
C PRO A 40 18.28 -0.14 3.04
N LEU A 41 17.46 0.61 3.76
CA LEU A 41 17.16 1.95 3.30
C LEU A 41 18.42 2.82 3.30
N THR A 42 18.45 3.76 2.37
CA THR A 42 19.48 4.80 2.41
C THR A 42 19.07 5.85 3.45
N PRO A 43 19.99 6.78 3.81
CA PRO A 43 19.54 7.84 4.69
C PRO A 43 18.40 8.66 4.14
N ASP A 44 18.39 8.92 2.85
CA ASP A 44 17.25 9.64 2.26
C ASP A 44 15.98 8.78 2.31
N GLY A 45 16.11 7.46 2.15
CA GLY A 45 14.92 6.60 2.23
C GLY A 45 14.35 6.58 3.65
N VAL A 46 15.22 6.61 4.67
CA VAL A 46 14.74 6.71 6.03
C VAL A 46 13.99 8.04 6.19
N ARG A 47 14.53 9.17 5.71
CA ARG A 47 13.79 10.44 5.80
C ARG A 47 12.42 10.38 5.07
N ALA A 48 12.39 9.75 3.91
CA ALA A 48 11.14 9.69 3.16
C ALA A 48 10.11 8.83 3.92
N ALA A 49 10.53 7.71 4.45
CA ALA A 49 9.59 6.83 5.17
C ALA A 49 9.11 7.49 6.46
N THR A 50 10.02 8.20 7.12
CA THR A 50 9.63 8.93 8.31
C THR A 50 8.57 9.97 8.02
N ALA A 51 8.78 10.73 6.95
CA ALA A 51 7.78 11.73 6.54
C ALA A 51 6.45 11.12 6.20
N ALA A 52 6.50 9.99 5.50
CA ALA A 52 5.26 9.31 5.13
C ALA A 52 4.49 8.85 6.36
N GLY A 53 5.20 8.25 7.33
CA GLY A 53 4.55 7.89 8.60
C GLY A 53 3.87 9.02 9.34
N GLN A 54 4.58 10.15 9.40
CA GLN A 54 4.05 11.33 10.04
C GLN A 54 2.77 11.81 9.38
N TRP A 55 2.75 11.78 8.05
CA TRP A 55 1.56 12.15 7.29
C TRP A 55 0.43 11.20 7.57
N LEU A 56 0.69 9.91 7.48
CA LEU A 56 -0.34 8.88 7.72
C LEU A 56 -0.93 9.01 9.11
N ARG A 57 -0.08 9.17 10.13
CA ARG A 57 -0.57 9.26 11.50
C ARG A 57 -1.29 10.57 11.79
N GLY A 58 -1.03 11.61 11.01
CA GLY A 58 -1.71 12.86 11.18
C GLY A 58 -2.97 13.04 10.39
N HIS A 59 -3.17 12.25 9.34
CA HIS A 59 -4.25 12.50 8.40
C HIS A 59 -5.26 11.38 8.16
N LEU A 60 -4.88 10.13 8.47
CA LEU A 60 -5.77 8.98 8.30
C LEU A 60 -6.09 8.37 9.63
N PRO A 61 -7.19 7.58 9.69
CA PRO A 61 -7.41 6.76 10.84
C PRO A 61 -6.24 5.88 11.18
N ALA A 62 -6.11 5.53 12.44
CA ALA A 62 -5.02 4.67 12.85
C ALA A 62 -5.04 3.37 12.06
N VAL A 63 -3.88 2.97 11.60
CA VAL A 63 -3.80 1.71 10.86
C VAL A 63 -4.12 0.56 11.82
N ASP A 64 -4.95 -0.38 11.35
CA ASP A 64 -5.31 -1.55 12.15
C ASP A 64 -4.42 -2.75 11.88
N VAL A 65 -4.05 -2.93 10.62
N VAL A 65 -4.04 -2.96 10.64
CA VAL A 65 -3.32 -4.12 10.16
CA VAL A 65 -3.16 -4.08 10.33
C VAL A 65 -2.34 -3.70 9.06
C VAL A 65 -2.32 -3.71 9.12
N VAL A 66 -1.11 -4.21 9.13
CA VAL A 66 -0.13 -3.97 8.08
C VAL A 66 0.17 -5.35 7.47
N VAL A 67 0.24 -5.37 6.14
CA VAL A 67 0.78 -6.52 5.38
C VAL A 67 2.08 -6.01 4.76
N CYS A 68 3.20 -6.68 5.06
CA CYS A 68 4.50 -6.16 4.72
C CYS A 68 5.41 -7.21 4.11
N SER A 69 6.06 -6.89 3.00
CA SER A 69 7.12 -7.74 2.47
C SER A 69 8.20 -8.00 3.51
N THR A 70 8.77 -9.20 3.46
CA THR A 70 9.81 -9.61 4.39
C THR A 70 11.18 -8.97 4.11
N ALA A 71 11.33 -8.29 2.98
CA ALA A 71 12.61 -7.66 2.64
C ALA A 71 13.00 -6.65 3.75
N ALA A 72 14.29 -6.50 3.98
CA ALA A 72 14.76 -5.48 4.95
C ALA A 72 14.18 -4.09 4.62
N ARG A 73 14.16 -3.71 3.36
CA ARG A 73 13.78 -2.36 3.01
C ARG A 73 12.34 -2.03 3.25
N THR A 74 11.46 -3.02 3.08
CA THR A 74 10.05 -2.86 3.41
C THR A 74 9.84 -2.89 4.95
N ARG A 75 10.51 -3.80 5.65
CA ARG A 75 10.50 -3.81 7.14
C ARG A 75 10.96 -2.48 7.71
N GLN A 76 12.04 -1.96 7.17
CA GLN A 76 12.62 -0.72 7.65
C GLN A 76 11.74 0.47 7.31
N THR A 77 11.10 0.46 6.16
CA THR A 77 10.14 1.50 5.83
C THR A 77 9.03 1.52 6.86
N LEU A 78 8.51 0.34 7.17
CA LEU A 78 7.45 0.26 8.20
C LEU A 78 7.95 0.81 9.55
N ALA A 79 9.11 0.37 9.97
CA ALA A 79 9.66 0.80 11.25
C ALA A 79 9.73 2.31 11.26
N ALA A 80 10.21 2.90 10.19
CA ALA A 80 10.41 4.36 10.16
C ALA A 80 9.11 5.15 10.22
N THR A 81 7.99 4.54 9.81
CA THR A 81 6.71 5.22 9.85
C THR A 81 6.23 5.45 11.24
N GLY A 82 6.71 4.68 12.20
CA GLY A 82 6.23 4.79 13.55
C GLY A 82 4.83 4.26 13.84
N ILE A 83 4.24 3.58 12.85
CA ILE A 83 2.95 2.94 12.99
C ILE A 83 3.06 1.67 13.80
N SER A 84 2.28 1.62 14.88
N SER A 84 2.29 1.58 14.87
CA SER A 84 2.17 0.46 15.75
CA SER A 84 2.26 0.40 15.72
C SER A 84 0.83 -0.15 15.39
C SER A 84 0.88 -0.22 15.52
N ALA A 85 0.87 -1.33 14.81
CA ALA A 85 -0.34 -2.04 14.44
C ALA A 85 0.04 -3.50 14.41
N GLN A 86 -0.91 -4.38 14.22
CA GLN A 86 -0.52 -5.78 14.04
C GLN A 86 0.07 -5.91 12.63
N VAL A 87 1.18 -6.63 12.51
CA VAL A 87 1.89 -6.75 11.23
C VAL A 87 1.90 -8.20 10.78
N ARG A 88 1.56 -8.41 9.51
CA ARG A 88 1.65 -9.71 8.85
C ARG A 88 2.78 -9.61 7.83
N TYR A 89 3.92 -10.20 8.17
CA TYR A 89 5.05 -10.20 7.26
C TYR A 89 4.86 -11.37 6.28
N ARG A 90 5.07 -11.14 5.00
CA ARG A 90 4.77 -12.13 3.96
C ARG A 90 5.83 -12.17 2.90
N ASP A 91 6.43 -13.35 2.69
CA ASP A 91 7.27 -13.57 1.53
C ASP A 91 6.50 -13.41 0.24
N GLU A 92 5.19 -13.64 0.26
CA GLU A 92 4.36 -13.42 -0.92
C GLU A 92 4.43 -12.00 -1.42
N LEU A 93 4.72 -11.03 -0.56
CA LEU A 93 4.80 -9.63 -0.97
C LEU A 93 6.18 -9.28 -1.53
N TYR A 94 7.15 -10.18 -1.42
CA TYR A 94 8.49 -9.98 -1.99
C TYR A 94 8.48 -10.61 -3.39
N GLY A 95 7.98 -9.84 -4.34
CA GLY A 95 7.88 -10.28 -5.71
C GLY A 95 6.56 -10.81 -6.16
N GLY A 96 5.56 -10.90 -5.26
CA GLY A 96 4.24 -11.26 -5.66
C GLY A 96 3.63 -10.25 -6.61
N GLY A 97 2.62 -10.70 -7.34
CA GLY A 97 1.83 -9.84 -8.24
C GLY A 97 0.58 -9.30 -7.57
N VAL A 98 -0.22 -8.63 -8.36
CA VAL A 98 -1.48 -8.07 -7.90
C VAL A 98 -2.31 -9.11 -7.20
N ASP A 99 -2.49 -10.29 -7.80
CA ASP A 99 -3.38 -11.27 -7.19
C ASP A 99 -2.88 -11.73 -5.83
N GLU A 100 -1.55 -11.86 -5.64
CA GLU A 100 -0.97 -12.26 -4.37
C GLU A 100 -1.14 -11.19 -3.31
N ILE A 101 -0.99 -9.94 -3.69
CA ILE A 101 -1.16 -8.83 -2.75
C ILE A 101 -2.62 -8.78 -2.34
N LEU A 102 -3.54 -8.92 -3.29
CA LEU A 102 -4.94 -8.87 -2.95
C LEU A 102 -5.38 -10.06 -2.12
N ALA A 103 -4.86 -11.26 -2.37
CA ALA A 103 -5.16 -12.40 -1.54
C ALA A 103 -4.74 -12.18 -0.11
N GLU A 104 -3.60 -11.53 0.11
CA GLU A 104 -3.16 -11.27 1.47
C GLU A 104 -4.03 -10.19 2.13
N VAL A 105 -4.40 -9.12 1.40
CA VAL A 105 -5.33 -8.11 1.96
C VAL A 105 -6.66 -8.78 2.30
N ALA A 106 -7.09 -9.69 1.46
CA ALA A 106 -8.38 -10.36 1.71
C ALA A 106 -8.43 -11.18 2.95
N ALA A 107 -7.28 -11.61 3.46
CA ALA A 107 -7.16 -12.45 4.62
C ALA A 107 -7.05 -11.69 5.98
N VAL A 108 -6.94 -10.37 5.94
CA VAL A 108 -6.81 -9.60 7.19
C VAL A 108 -8.08 -9.74 8.03
N PRO A 109 -7.97 -9.46 9.33
CA PRO A 109 -9.19 -9.46 10.18
C PRO A 109 -10.27 -8.61 9.57
N ALA A 110 -11.45 -9.19 9.42
CA ALA A 110 -12.47 -8.59 8.65
C ALA A 110 -12.91 -7.25 9.20
N ASP A 111 -12.83 -7.03 10.51
CA ASP A 111 -13.32 -5.79 11.07
C ASP A 111 -12.26 -4.67 11.02
N ALA A 112 -11.09 -4.94 10.47
CA ALA A 112 -10.10 -3.86 10.25
C ALA A 112 -10.72 -2.76 9.42
N SER A 113 -10.53 -1.51 9.84
N SER A 113 -10.54 -1.52 9.85
CA SER A 113 -11.03 -0.38 9.07
CA SER A 113 -11.04 -0.36 9.11
C SER A 113 -9.98 0.20 8.14
C SER A 113 -9.99 0.21 8.16
N THR A 114 -8.73 0.11 8.56
CA THR A 114 -7.59 0.73 7.82
C THR A 114 -6.45 -0.29 7.71
N VAL A 115 -6.09 -0.59 6.49
CA VAL A 115 -5.02 -1.54 6.16
C VAL A 115 -3.91 -0.87 5.38
N LEU A 116 -2.66 -1.09 5.81
CA LEU A 116 -1.48 -0.62 5.11
C LEU A 116 -0.76 -1.81 4.50
N VAL A 117 -0.37 -1.67 3.25
CA VAL A 117 0.44 -2.65 2.53
C VAL A 117 1.78 -2.01 2.22
N VAL A 118 2.90 -2.63 2.60
CA VAL A 118 4.22 -2.12 2.29
C VAL A 118 4.92 -3.15 1.40
N GLY A 119 5.09 -2.75 0.16
CA GLY A 119 5.68 -3.66 -0.81
C GLY A 119 6.55 -3.00 -1.84
N HIS A 120 6.58 -3.61 -3.04
CA HIS A 120 7.52 -3.26 -4.08
C HIS A 120 6.80 -2.85 -5.37
N ALA A 121 7.39 -1.96 -6.14
CA ALA A 121 7.01 -1.76 -7.50
C ALA A 121 7.57 -2.87 -8.37
N PRO A 122 6.90 -3.21 -9.49
CA PRO A 122 5.74 -2.58 -10.08
C PRO A 122 4.43 -3.01 -9.47
N THR A 123 4.43 -4.02 -8.60
CA THR A 123 3.17 -4.57 -8.17
C THR A 123 2.29 -3.59 -7.37
N ILE A 124 2.92 -2.80 -6.53
CA ILE A 124 2.12 -1.90 -5.69
C ILE A 124 1.26 -0.92 -6.53
N PRO A 125 1.90 -0.17 -7.41
CA PRO A 125 1.06 0.71 -8.28
C PRO A 125 0.11 -0.04 -9.21
N ALA A 126 0.51 -1.20 -9.67
CA ALA A 126 -0.38 -2.01 -10.52
C ALA A 126 -1.63 -2.41 -9.76
N THR A 127 -1.47 -2.74 -8.48
CA THR A 127 -2.57 -3.11 -7.64
C THR A 127 -3.56 -1.95 -7.51
N GLY A 128 -3.02 -0.78 -7.22
CA GLY A 128 -3.87 0.39 -7.12
C GLY A 128 -4.65 0.63 -8.40
N TRP A 129 -3.97 0.50 -9.53
N TRP A 129 -3.98 0.52 -9.54
CA TRP A 129 -4.59 0.78 -10.79
CA TRP A 129 -4.60 0.76 -10.83
C TRP A 129 -5.72 -0.22 -11.07
C TRP A 129 -5.74 -0.22 -11.06
N GLU A 130 -5.49 -1.50 -10.80
CA GLU A 130 -6.54 -2.48 -11.01
C GLU A 130 -7.75 -2.26 -10.13
N LEU A 131 -7.50 -1.86 -8.89
CA LEU A 131 -8.61 -1.58 -8.00
C LEU A 131 -9.44 -0.40 -8.47
N VAL A 132 -8.74 0.65 -8.94
CA VAL A 132 -9.44 1.84 -9.48
C VAL A 132 -10.30 1.47 -10.67
N ARG A 133 -9.73 0.71 -11.61
CA ARG A 133 -10.49 0.37 -12.80
C ARG A 133 -11.68 -0.50 -12.49
N GLN A 134 -11.54 -1.41 -11.53
CA GLN A 134 -12.67 -2.28 -11.13
C GLN A 134 -13.78 -1.45 -10.52
N SER A 135 -13.40 -0.50 -9.69
CA SER A 135 -14.39 0.37 -9.08
C SER A 135 -15.15 1.20 -10.15
N LEU A 136 -14.42 1.71 -11.12
CA LEU A 136 -15.06 2.41 -12.27
C LEU A 136 -16.11 1.55 -12.94
N LEU A 137 -15.74 0.30 -13.20
CA LEU A 137 -16.64 -0.63 -13.87
C LEU A 137 -17.89 -0.79 -13.04
N ASN A 138 -17.70 -1.02 -11.74
CA ASN A 138 -18.83 -1.26 -10.86
C ASN A 138 -19.76 -0.07 -10.76
N ARG A 139 -19.21 1.14 -10.93
CA ARG A 139 -19.95 2.39 -10.86
C ARG A 139 -20.52 2.79 -12.25
N ASP A 140 -20.40 1.90 -13.24
CA ASP A 140 -20.73 2.23 -14.64
C ASP A 140 -20.14 3.58 -15.09
N ALA A 141 -18.87 3.81 -14.82
CA ALA A 141 -18.22 5.03 -15.25
C ALA A 141 -17.87 5.00 -16.75
N ASP A 142 -17.51 6.17 -17.27
CA ASP A 142 -17.07 6.32 -18.64
C ASP A 142 -15.75 5.54 -18.81
N PRO A 143 -15.69 4.57 -19.75
CA PRO A 143 -14.44 3.78 -19.91
C PRO A 143 -13.25 4.63 -20.43
N SER A 144 -13.49 5.84 -20.92
CA SER A 144 -12.37 6.75 -21.25
C SER A 144 -11.91 7.55 -20.02
N SER A 145 -12.53 7.34 -18.84
CA SER A 145 -12.04 7.98 -17.60
C SER A 145 -10.53 7.79 -17.41
N GLY A 146 -9.87 8.88 -17.01
CA GLY A 146 -8.45 8.86 -16.66
C GLY A 146 -8.21 8.49 -15.18
N ALA A 147 -9.26 8.06 -14.45
CA ALA A 147 -9.12 7.77 -13.01
C ALA A 147 -8.02 6.76 -12.86
N GLY A 148 -7.10 7.01 -11.93
CA GLY A 148 -5.99 6.11 -11.74
C GLY A 148 -4.71 6.66 -12.35
N ASP A 149 -4.84 7.61 -13.30
CA ASP A 149 -3.66 8.17 -13.95
C ASP A 149 -2.67 8.79 -12.95
N GLU A 150 -3.12 9.19 -11.77
CA GLU A 150 -2.20 9.70 -10.73
C GLU A 150 -1.16 8.68 -10.32
N LEU A 151 -1.40 7.39 -10.58
CA LEU A 151 -0.46 6.35 -10.22
C LEU A 151 0.70 6.20 -11.17
N ARG A 152 0.74 7.03 -12.22
CA ARG A 152 1.76 6.90 -13.21
C ARG A 152 3.15 7.23 -12.70
N HIS A 153 3.21 8.04 -11.65
CA HIS A 153 4.45 8.31 -10.92
C HIS A 153 4.33 7.68 -9.56
N PHE A 154 5.26 6.79 -9.26
CA PHE A 154 5.16 6.02 -8.02
C PHE A 154 6.55 5.64 -7.57
N ALA A 155 7.35 6.67 -7.23
CA ALA A 155 8.73 6.46 -6.80
C ALA A 155 8.80 5.81 -5.43
N ALA A 156 9.95 5.28 -5.07
CA ALA A 156 10.17 4.68 -3.79
C ALA A 156 9.71 5.64 -2.67
N GLY A 157 8.86 5.13 -1.79
CA GLY A 157 8.32 5.90 -0.68
C GLY A 157 6.92 6.43 -0.89
N THR A 158 6.44 6.36 -2.15
CA THR A 158 5.08 6.82 -2.46
C THR A 158 4.03 5.94 -1.86
N PHE A 159 2.91 6.53 -1.46
CA PHE A 159 1.75 5.71 -1.14
C PHE A 159 0.49 6.29 -1.72
N ALA A 160 -0.44 5.39 -2.00
CA ALA A 160 -1.80 5.70 -2.47
C ALA A 160 -2.81 5.34 -1.41
N VAL A 161 -3.80 6.18 -1.23
CA VAL A 161 -4.87 5.97 -0.29
C VAL A 161 -6.15 5.74 -1.08
N LEU A 162 -6.78 4.59 -0.84
CA LEU A 162 -7.98 4.20 -1.52
C LEU A 162 -9.08 3.87 -0.53
N SER A 163 -10.32 3.93 -1.00
CA SER A 163 -11.46 3.68 -0.15
C SER A 163 -12.36 2.68 -0.88
N THR A 164 -12.90 1.75 -0.09
CA THR A 164 -13.82 0.72 -0.64
C THR A 164 -15.00 0.54 0.31
N THR A 165 -16.17 0.27 -0.27
CA THR A 165 -17.27 -0.17 0.56
C THR A 165 -17.36 -1.67 0.66
N GLY A 166 -16.59 -2.38 -0.12
CA GLY A 166 -16.58 -3.84 -0.04
C GLY A 166 -15.85 -4.33 1.18
N ALA A 167 -16.22 -5.51 1.65
CA ALA A 167 -15.43 -6.24 2.64
C ALA A 167 -14.03 -6.48 2.12
N TRP A 168 -13.03 -6.60 3.00
CA TRP A 168 -11.69 -6.92 2.53
C TRP A 168 -11.63 -8.16 1.65
N ALA A 169 -12.38 -9.20 1.99
CA ALA A 169 -12.32 -10.41 1.23
C ALA A 169 -12.75 -10.20 -0.25
N ASP A 170 -13.58 -9.16 -0.45
CA ASP A 170 -14.21 -8.92 -1.73
C ASP A 170 -13.47 -7.87 -2.55
N LEU A 171 -12.31 -7.41 -2.07
CA LEU A 171 -11.65 -6.28 -2.68
C LEU A 171 -11.39 -6.43 -4.16
N ALA A 172 -10.99 -7.60 -4.62
CA ALA A 172 -10.72 -7.79 -6.01
C ALA A 172 -11.96 -7.54 -6.88
N GLN A 173 -13.12 -7.92 -6.39
CA GLN A 173 -14.36 -7.72 -7.14
C GLN A 173 -14.93 -6.31 -6.96
N ALA A 174 -14.81 -5.77 -5.73
CA ALA A 174 -15.44 -4.50 -5.37
C ALA A 174 -14.61 -3.32 -5.92
N GLY A 175 -13.31 -3.52 -6.01
CA GLY A 175 -12.40 -2.42 -6.38
C GLY A 175 -12.29 -1.42 -5.24
N ALA A 176 -11.64 -0.30 -5.54
CA ALA A 176 -11.58 0.80 -4.54
C ALA A 176 -11.35 2.08 -5.31
N GLU A 177 -11.81 3.18 -4.75
CA GLU A 177 -11.65 4.49 -5.38
C GLU A 177 -10.41 5.18 -4.81
N LEU A 178 -9.67 5.81 -5.70
CA LEU A 178 -8.44 6.47 -5.31
C LEU A 178 -8.77 7.81 -4.69
N GLN A 179 -8.28 8.04 -3.47
CA GLN A 179 -8.46 9.30 -2.75
C GLN A 179 -7.29 10.26 -2.98
N LEU A 180 -6.09 9.72 -2.89
CA LEU A 180 -4.89 10.53 -3.02
C LEU A 180 -3.68 9.68 -3.25
N VAL A 181 -2.67 10.31 -3.86
CA VAL A 181 -1.34 9.74 -3.97
C VAL A 181 -0.40 10.76 -3.33
N GLN A 182 0.33 10.32 -2.29
N GLN A 182 0.38 10.32 -2.36
CA GLN A 182 1.33 11.15 -1.59
CA GLN A 182 1.29 11.18 -1.62
C GLN A 182 2.70 10.72 -2.02
C GLN A 182 2.69 10.74 -1.99
N HIS A 183 3.41 11.64 -2.64
CA HIS A 183 4.74 11.40 -3.14
C HIS A 183 5.82 11.73 -2.11
N PRO A 184 7.01 11.13 -2.26
CA PRO A 184 8.02 11.29 -1.25
C PRO A 184 8.53 12.72 -1.22
N VAL A 185 8.92 13.15 -0.04
CA VAL A 185 9.28 14.57 0.09
C VAL A 185 10.69 14.77 0.54
N ALA A 186 11.37 13.62 0.69
CA ALA A 186 12.81 13.47 0.87
C ALA A 186 13.41 12.27 0.11
#